data_5MW2
#
_entry.id   5MW2
#
_cell.length_a   31.367
_cell.length_b   72.657
_cell.length_c   54.883
_cell.angle_alpha   90.00
_cell.angle_beta   105.87
_cell.angle_gamma   90.00
#
_symmetry.space_group_name_H-M   'C 1 2 1'
#
loop_
_entity.id
_entity.type
_entity.pdbx_description
1 polymer 'B-cell lymphoma 6 protein'
2 non-polymer 2-[6-[[5-chloranyl-2-[(3~{S},5~{R})-3,5-dimethylpiperidin-1-yl]pyrimidin-4-yl]amino]-1-methyl-2-oxidanylidene-quinolin-3-yl]oxy-~{N}-methyl-ethanamide
3 water water
#
_entity_poly.entity_id   1
_entity_poly.type   'polypeptide(L)'
_entity_poly.pdbx_seq_one_letter_code
;SADSQIQFTRHASDVLLNLNRLRSRDILTDVVIVVSREQFRAHKTVLMACSGLFYSIFTDQLKRNLSVINLDPEINPEGF
NILLDFMYTSRLNLREGNIMAVMATAMYLQMEHVVDTCRKFIKASE
;
_entity_poly.pdbx_strand_id   A
#
loop_
_chem_comp.id
_chem_comp.type
_chem_comp.name
_chem_comp.formula
U52 non-polymer 2-[6-[[5-chloranyl-2-[(3~{S},5~{R})-3,5-dimethylpiperidin-1-yl]pyrimidin-4-yl]amino]-1-methyl-2-oxidanylidene-quinolin-3-yl]oxy-~{N}-methyl-ethanamide 'C24 H29 Cl N6 O3'
#
# COMPACT_ATOMS: atom_id res chain seq x y z
N SER A 4 -8.60 -24.25 -23.39
CA SER A 4 -9.05 -24.41 -22.01
C SER A 4 -9.74 -23.14 -21.52
N GLN A 5 -8.98 -22.03 -21.38
CA GLN A 5 -9.47 -20.72 -20.92
C GLN A 5 -8.74 -19.59 -21.64
N ILE A 6 -9.49 -18.55 -22.07
CA ILE A 6 -8.94 -17.38 -22.77
C ILE A 6 -8.37 -16.41 -21.74
N GLN A 7 -7.08 -16.06 -21.89
CA GLN A 7 -6.37 -15.17 -20.98
C GLN A 7 -6.43 -13.71 -21.42
N PHE A 8 -6.90 -12.84 -20.51
CA PHE A 8 -7.00 -11.38 -20.72
C PHE A 8 -5.81 -10.77 -19.98
N THR A 9 -4.76 -10.41 -20.75
CA THR A 9 -3.49 -9.86 -20.25
C THR A 9 -3.60 -8.51 -19.53
N ARG A 10 -4.50 -7.61 -19.99
CA ARG A 10 -4.65 -6.28 -19.39
C ARG A 10 -5.86 -6.13 -18.45
N HIS A 11 -6.56 -7.23 -18.13
CA HIS A 11 -7.73 -7.23 -17.24
C HIS A 11 -7.38 -6.80 -15.81
N ALA A 12 -6.34 -7.44 -15.22
CA ALA A 12 -5.86 -7.15 -13.85
C ALA A 12 -5.43 -5.70 -13.66
N SER A 13 -4.78 -5.10 -14.68
CA SER A 13 -4.34 -3.70 -14.66
C SER A 13 -5.55 -2.76 -14.75
N ASP A 14 -6.58 -3.16 -15.53
CA ASP A 14 -7.84 -2.42 -15.69
C ASP A 14 -8.67 -2.44 -14.40
N VAL A 15 -8.60 -3.55 -13.64
CA VAL A 15 -9.30 -3.72 -12.35
C VAL A 15 -8.66 -2.78 -11.31
N LEU A 16 -7.32 -2.79 -11.22
CA LEU A 16 -6.52 -1.96 -10.31
C LEU A 16 -6.73 -0.47 -10.59
N LEU A 17 -6.85 -0.09 -11.88
CA LEU A 17 -7.10 1.29 -12.32
C LEU A 17 -8.49 1.76 -11.85
N ASN A 18 -9.50 0.87 -11.97
CA ASN A 18 -10.87 1.14 -11.56
C ASN A 18 -11.00 1.22 -10.04
N LEU A 19 -10.21 0.40 -9.30
CA LEU A 19 -10.16 0.41 -7.82
C LEU A 19 -9.56 1.75 -7.35
N ASN A 20 -8.57 2.26 -8.10
CA ASN A 20 -7.91 3.54 -7.83
C ASN A 20 -8.87 4.70 -8.08
N ARG A 21 -9.75 4.56 -9.09
CA ARG A 21 -10.79 5.54 -9.43
C ARG A 21 -11.85 5.60 -8.31
N LEU A 22 -12.18 4.43 -7.72
CA LEU A 22 -13.14 4.33 -6.61
C LEU A 22 -12.56 4.95 -5.34
N ARG A 23 -11.25 4.73 -5.09
CA ARG A 23 -10.51 5.27 -3.95
C ARG A 23 -10.46 6.80 -4.04
N SER A 24 -10.22 7.34 -5.26
CA SER A 24 -10.15 8.77 -5.57
C SER A 24 -11.52 9.45 -5.39
N ARG A 25 -12.60 8.72 -5.69
CA ARG A 25 -13.98 9.20 -5.58
C ARG A 25 -14.65 8.81 -4.25
N ASP A 26 -13.87 8.17 -3.33
CA ASP A 26 -14.26 7.71 -1.99
C ASP A 26 -15.46 6.71 -1.99
N ILE A 27 -15.54 5.87 -3.04
CA ILE A 27 -16.59 4.86 -3.17
C ILE A 27 -16.13 3.55 -2.51
N LEU A 28 -16.88 3.11 -1.49
CA LEU A 28 -16.71 1.89 -0.70
C LEU A 28 -15.37 1.83 0.08
N THR A 29 -14.74 2.99 0.36
CA THR A 29 -13.52 3.06 1.15
C THR A 29 -13.97 2.89 2.61
N ASP A 30 -13.67 1.72 3.19
CA ASP A 30 -14.11 1.32 4.53
C ASP A 30 -13.08 1.50 5.65
N VAL A 31 -11.92 2.13 5.38
CA VAL A 31 -10.89 2.33 6.41
C VAL A 31 -10.12 3.66 6.23
N VAL A 32 -9.70 4.24 7.38
CA VAL A 32 -8.92 5.47 7.47
C VAL A 32 -7.58 5.11 8.13
N ILE A 33 -6.47 5.34 7.41
CA ILE A 33 -5.13 5.06 7.92
C ILE A 33 -4.53 6.38 8.41
N VAL A 34 -4.24 6.46 9.72
CA VAL A 34 -3.68 7.65 10.36
C VAL A 34 -2.17 7.47 10.57
N VAL A 35 -1.38 8.24 9.80
CA VAL A 35 0.08 8.25 9.86
C VAL A 35 0.50 9.62 10.41
N SER A 36 0.96 9.64 11.68
CA SER A 36 1.38 10.82 12.45
C SER A 36 0.24 11.85 12.61
N ARG A 37 0.01 12.68 11.58
CA ARG A 37 -1.05 13.70 11.55
C ARG A 37 -1.83 13.64 10.22
N GLU A 38 -1.32 12.85 9.26
CA GLU A 38 -1.90 12.67 7.92
C GLU A 38 -2.89 11.51 7.89
N GLN A 39 -4.00 11.69 7.15
CA GLN A 39 -5.06 10.68 7.01
C GLN A 39 -5.16 10.19 5.56
N PHE A 40 -5.28 8.86 5.39
CA PHE A 40 -5.38 8.22 4.07
C PHE A 40 -6.53 7.23 4.02
N ARG A 41 -7.50 7.47 3.12
CA ARG A 41 -8.64 6.58 2.95
C ARG A 41 -8.35 5.57 1.84
N ALA A 42 -8.61 4.28 2.13
CA ALA A 42 -8.36 3.17 1.19
C ALA A 42 -9.36 2.03 1.40
N HIS A 43 -9.27 0.99 0.56
CA HIS A 43 -10.09 -0.22 0.64
C HIS A 43 -9.28 -1.26 1.43
N LYS A 44 -9.91 -1.91 2.43
CA LYS A 44 -9.28 -2.93 3.29
C LYS A 44 -8.70 -4.10 2.48
N THR A 45 -9.44 -4.54 1.43
CA THR A 45 -9.07 -5.64 0.55
C THR A 45 -7.78 -5.37 -0.23
N VAL A 46 -7.60 -4.11 -0.69
CA VAL A 46 -6.42 -3.66 -1.44
C VAL A 46 -5.19 -3.65 -0.49
N LEU A 47 -5.40 -3.23 0.77
CA LEU A 47 -4.36 -3.18 1.81
C LEU A 47 -3.80 -4.57 2.13
N MET A 48 -4.70 -5.55 2.32
CA MET A 48 -4.36 -6.95 2.62
C MET A 48 -3.59 -7.61 1.49
N ALA A 49 -4.00 -7.33 0.24
CA ALA A 49 -3.42 -7.88 -0.99
C ALA A 49 -1.97 -7.46 -1.25
N CYS A 50 -1.58 -6.24 -0.82
CA CYS A 50 -0.23 -5.71 -1.06
C CYS A 50 0.65 -5.61 0.19
N SER A 51 0.05 -5.70 1.40
CA SER A 51 0.79 -5.57 2.65
C SER A 51 0.56 -6.75 3.60
N GLY A 52 1.65 -7.25 4.18
CA GLY A 52 1.65 -8.33 5.14
C GLY A 52 1.12 -7.91 6.49
N LEU A 53 1.40 -6.65 6.89
CA LEU A 53 0.94 -6.05 8.15
C LEU A 53 -0.58 -5.87 8.11
N PHE A 54 -1.11 -5.27 7.02
CA PHE A 54 -2.55 -5.07 6.85
C PHE A 54 -3.31 -6.38 6.69
N TYR A 55 -2.66 -7.42 6.10
CA TYR A 55 -3.27 -8.75 5.97
C TYR A 55 -3.45 -9.35 7.36
N SER A 56 -2.37 -9.35 8.19
CA SER A 56 -2.36 -9.86 9.55
C SER A 56 -3.36 -9.17 10.47
N ILE A 57 -3.58 -7.86 10.27
CA ILE A 57 -4.52 -7.05 11.05
C ILE A 57 -5.97 -7.36 10.66
N PHE A 58 -6.32 -7.24 9.37
CA PHE A 58 -7.69 -7.44 8.89
C PHE A 58 -8.18 -8.91 8.83
N THR A 59 -7.27 -9.92 8.90
CA THR A 59 -7.70 -11.33 8.93
C THR A 59 -8.31 -11.62 10.31
N ASP A 60 -7.73 -10.99 11.36
CA ASP A 60 -8.19 -11.08 12.75
C ASP A 60 -9.58 -10.44 12.85
N GLN A 61 -10.57 -11.19 13.38
CA GLN A 61 -11.95 -10.72 13.52
C GLN A 61 -12.13 -9.58 14.53
N LEU A 62 -11.16 -9.41 15.45
CA LEU A 62 -11.17 -8.36 16.47
C LEU A 62 -10.81 -7.01 15.84
N LYS A 63 -10.03 -7.03 14.73
CA LYS A 63 -9.54 -5.85 14.02
C LYS A 63 -10.10 -5.71 12.58
N ARG A 64 -10.90 -6.69 12.11
CA ARG A 64 -11.49 -6.71 10.77
C ARG A 64 -12.47 -5.55 10.53
N ASN A 65 -13.32 -5.24 11.52
CA ASN A 65 -14.33 -4.18 11.41
C ASN A 65 -13.84 -2.80 11.89
N LEU A 66 -12.51 -2.64 12.09
CA LEU A 66 -11.93 -1.37 12.53
C LEU A 66 -11.97 -0.33 11.41
N SER A 67 -12.69 0.77 11.65
CA SER A 67 -12.86 1.87 10.70
C SER A 67 -11.62 2.77 10.62
N VAL A 68 -10.86 2.87 11.73
CA VAL A 68 -9.66 3.70 11.83
C VAL A 68 -8.46 2.85 12.31
N ILE A 69 -7.38 2.82 11.52
CA ILE A 69 -6.14 2.10 11.85
C ILE A 69 -5.04 3.14 12.13
N ASN A 70 -4.57 3.20 13.37
CA ASN A 70 -3.54 4.14 13.81
C ASN A 70 -2.15 3.51 13.78
N LEU A 71 -1.33 3.91 12.78
CA LEU A 71 0.04 3.44 12.65
C LEU A 71 0.95 4.23 13.61
N ASP A 72 2.19 3.75 13.83
CA ASP A 72 3.15 4.39 14.74
C ASP A 72 3.57 5.79 14.27
N PRO A 73 3.68 6.82 15.16
CA PRO A 73 4.07 8.17 14.69
C PRO A 73 5.47 8.30 14.08
N GLU A 74 6.32 7.27 14.27
CA GLU A 74 7.67 7.20 13.72
C GLU A 74 7.65 6.97 12.20
N ILE A 75 6.55 6.37 11.68
CA ILE A 75 6.35 6.08 10.26
C ILE A 75 6.23 7.37 9.44
N ASN A 76 7.08 7.50 8.40
CA ASN A 76 7.14 8.66 7.52
C ASN A 76 5.86 8.80 6.68
N PRO A 77 5.15 9.96 6.77
CA PRO A 77 3.91 10.13 5.98
C PRO A 77 4.09 10.06 4.47
N GLU A 78 5.21 10.63 3.95
CA GLU A 78 5.53 10.60 2.52
C GLU A 78 5.88 9.19 2.05
N GLY A 79 6.52 8.42 2.92
CA GLY A 79 6.91 7.04 2.68
C GLY A 79 5.70 6.13 2.52
N PHE A 80 4.68 6.31 3.40
CA PHE A 80 3.44 5.55 3.34
C PHE A 80 2.61 5.94 2.12
N ASN A 81 2.58 7.25 1.77
CA ASN A 81 1.84 7.79 0.63
C ASN A 81 2.34 7.21 -0.69
N ILE A 82 3.68 7.10 -0.86
CA ILE A 82 4.34 6.53 -2.05
C ILE A 82 3.94 5.05 -2.18
N LEU A 83 3.95 4.31 -1.06
CA LEU A 83 3.58 2.90 -0.99
C LEU A 83 2.09 2.64 -1.21
N LEU A 84 1.22 3.56 -0.72
CA LEU A 84 -0.24 3.47 -0.89
C LEU A 84 -0.58 3.71 -2.38
N ASP A 85 0.12 4.68 -3.02
CA ASP A 85 -0.03 5.03 -4.42
C ASP A 85 0.37 3.85 -5.30
N PHE A 86 1.48 3.17 -4.93
CA PHE A 86 2.02 1.99 -5.61
C PHE A 86 1.02 0.82 -5.61
N MET A 87 0.29 0.65 -4.50
CA MET A 87 -0.70 -0.41 -4.32
C MET A 87 -1.85 -0.35 -5.33
N TYR A 88 -2.27 0.88 -5.70
CA TYR A 88 -3.36 1.13 -6.63
C TYR A 88 -2.93 1.41 -8.08
N THR A 89 -1.62 1.65 -8.32
CA THR A 89 -1.11 1.99 -9.66
C THR A 89 -0.03 1.04 -10.23
N SER A 90 0.61 0.22 -9.36
CA SER A 90 1.72 -0.71 -9.64
C SER A 90 3.04 0.03 -9.96
N ARG A 91 3.04 1.37 -9.82
CA ARG A 91 4.19 2.25 -10.08
C ARG A 91 4.75 2.77 -8.77
N LEU A 92 6.04 2.48 -8.51
CA LEU A 92 6.75 2.87 -7.29
C LEU A 92 7.73 4.02 -7.57
N ASN A 93 7.53 5.17 -6.91
CA ASN A 93 8.36 6.36 -7.06
C ASN A 93 9.58 6.28 -6.12
N LEU A 94 10.63 5.55 -6.55
CA LEU A 94 11.86 5.38 -5.79
C LEU A 94 12.98 6.27 -6.32
N ARG A 95 13.42 7.22 -5.50
CA ARG A 95 14.52 8.14 -5.82
C ARG A 95 15.45 8.26 -4.60
N GLU A 96 16.70 8.74 -4.82
CA GLU A 96 17.72 8.89 -3.77
C GLU A 96 17.28 9.71 -2.55
N GLY A 97 16.34 10.63 -2.74
CA GLY A 97 15.80 11.48 -1.68
C GLY A 97 14.76 10.82 -0.81
N ASN A 98 14.17 9.69 -1.27
CA ASN A 98 13.12 8.97 -0.53
C ASN A 98 13.38 7.46 -0.33
N ILE A 99 14.46 6.91 -0.94
CA ILE A 99 14.84 5.48 -0.89
C ILE A 99 14.82 4.92 0.55
N MET A 100 15.45 5.62 1.51
CA MET A 100 15.51 5.18 2.91
C MET A 100 14.15 5.21 3.60
N ALA A 101 13.36 6.27 3.36
CA ALA A 101 12.02 6.44 3.91
C ALA A 101 11.05 5.39 3.38
N VAL A 102 11.18 5.01 2.08
CA VAL A 102 10.34 3.98 1.44
C VAL A 102 10.72 2.58 1.94
N MET A 103 12.03 2.27 1.98
CA MET A 103 12.59 0.98 2.45
C MET A 103 12.16 0.65 3.88
N ALA A 104 12.26 1.63 4.80
CA ALA A 104 11.89 1.48 6.21
C ALA A 104 10.39 1.26 6.39
N THR A 105 9.55 1.98 5.60
CA THR A 105 8.09 1.88 5.64
C THR A 105 7.63 0.53 5.06
N ALA A 106 8.28 0.06 3.97
CA ALA A 106 7.98 -1.22 3.32
C ALA A 106 8.29 -2.40 4.23
N MET A 107 9.31 -2.26 5.11
CA MET A 107 9.72 -3.26 6.09
C MET A 107 8.64 -3.40 7.17
N TYR A 108 8.13 -2.25 7.68
CA TYR A 108 7.08 -2.15 8.69
C TYR A 108 5.75 -2.68 8.16
N LEU A 109 5.41 -2.36 6.89
CA LEU A 109 4.18 -2.81 6.24
C LEU A 109 4.27 -4.25 5.72
N GLN A 110 5.48 -4.86 5.83
CA GLN A 110 5.79 -6.24 5.38
C GLN A 110 5.52 -6.42 3.88
N MET A 111 6.21 -5.61 3.07
CA MET A 111 6.12 -5.63 1.60
C MET A 111 7.49 -6.10 1.09
N GLU A 112 7.73 -7.42 1.19
CA GLU A 112 8.98 -8.12 0.86
C GLU A 112 9.53 -7.83 -0.54
N HIS A 113 8.68 -7.82 -1.57
CA HIS A 113 9.11 -7.55 -2.95
C HIS A 113 9.53 -6.09 -3.16
N VAL A 114 8.94 -5.15 -2.40
CA VAL A 114 9.29 -3.73 -2.43
C VAL A 114 10.68 -3.56 -1.79
N VAL A 115 10.91 -4.23 -0.63
CA VAL A 115 12.17 -4.25 0.11
C VAL A 115 13.27 -4.82 -0.80
N ASP A 116 12.94 -5.88 -1.58
CA ASP A 116 13.80 -6.55 -2.56
C ASP A 116 14.22 -5.59 -3.68
N THR A 117 13.30 -4.73 -4.15
CA THR A 117 13.59 -3.75 -5.21
C THR A 117 14.38 -2.56 -4.65
N CYS A 118 14.13 -2.22 -3.36
CA CYS A 118 14.86 -1.16 -2.63
C CYS A 118 16.31 -1.60 -2.42
N ARG A 119 16.52 -2.92 -2.25
CA ARG A 119 17.82 -3.59 -2.10
C ARG A 119 18.60 -3.47 -3.41
N LYS A 120 17.90 -3.66 -4.55
CA LYS A 120 18.45 -3.58 -5.91
C LYS A 120 18.73 -2.14 -6.35
N PHE A 121 17.95 -1.16 -5.81
CA PHE A 121 18.06 0.26 -6.15
C PHE A 121 19.39 0.88 -5.73
N ILE A 122 19.76 0.78 -4.44
CA ILE A 122 21.02 1.33 -3.91
C ILE A 122 22.24 0.51 -4.35
N LYS A 123 22.02 -0.74 -4.80
CA LYS A 123 23.07 -1.63 -5.31
C LYS A 123 23.50 -1.16 -6.71
N ALA A 124 22.53 -0.66 -7.51
CA ALA A 124 22.74 -0.15 -8.86
C ALA A 124 23.13 1.33 -8.91
N SER A 125 22.66 2.13 -7.93
CA SER A 125 22.95 3.57 -7.85
C SER A 125 24.22 3.85 -7.03
C4 U52 B . 4.60 -6.62 -2.62
C5 U52 B . 3.56 -7.44 -1.90
C8 U52 B . 4.41 -10.72 3.23
C10 U52 B . 4.31 -9.37 1.19
C13 U52 B . 0.23 -11.44 2.89
C15 U52 B . 2.24 -10.42 2.04
C17 U52 B . 0.13 -10.11 0.89
C22 U52 B . -2.49 -12.38 1.44
C24 U52 B . -2.42 -14.66 1.24
C26 U52 B . -4.38 -13.62 0.71
C28 U52 B . -0.31 -15.82 1.82
C1 U52 B . 5.35 -5.71 -4.75
N2 U52 B . 4.43 -6.46 -3.92
O3 U52 B . 5.53 -6.11 -2.00
O6 U52 B . 4.23 -8.04 -0.77
O7 U52 B . 5.51 -9.16 1.29
N9 U52 B . 3.63 -10.15 2.13
C11 U52 B . 3.48 -8.79 0.10
C12 U52 B . 2.18 -9.04 0.01
C14 U52 B . 1.60 -11.23 2.97
C16 U52 B . 1.50 -9.86 0.98
C18 U52 B . -0.51 -10.89 1.85
N19 U52 B . -1.88 -11.18 1.72
N20 U52 B . -1.70 -15.82 1.36
CL1 U52 B . -4.76 -10.95 0.84
N23 U52 B . -1.78 -13.51 1.54
N25 U52 B . -3.70 -14.78 0.83
C27 U52 B . -3.81 -12.40 1.01
C29 U52 B . 0.62 -16.77 1.07
C30 U52 B . 0.01 -18.17 1.00
C31 U52 B . -1.36 -18.12 0.31
C32 U52 B . -2.27 -17.14 1.05
C33 U52 B . 2.00 -16.80 1.74
C34 U52 B . -1.99 -19.50 0.24
#